data_3IA1
#
_entry.id   3IA1
#
_cell.length_a   63.237
_cell.length_b   63.237
_cell.length_c   152.535
_cell.angle_alpha   90.00
_cell.angle_beta   90.00
_cell.angle_gamma   120.00
#
_symmetry.space_group_name_H-M   'P 32 2 1'
#
loop_
_entity.id
_entity.type
_entity.pdbx_description
1 polymer 'Thio-disulfide isomerase/thioredoxin'
2 non-polymer 'ACETATE ION'
3 water water
#
_entity_poly.entity_id   1
_entity_poly.type   'polypeptide(L)'
_entity_poly.pdbx_seq_one_letter_code
;MSLAVKPGEPLPDFLLLDPKGQPVTPATVSKPAVIVFWASWCTVCKAEFPGLHRVAEETGVPFYVISREPRDTREVVLEY
MKTYPRFIPLLASDRDRPHEVAARFKVLGQPWTFVVDREGKVVALFAGRAGREALLDALLLAGADLEGHHHHHH
;
_entity_poly.pdbx_strand_id   A,B
#
loop_
_chem_comp.id
_chem_comp.type
_chem_comp.name
_chem_comp.formula
ACT non-polymer 'ACETATE ION' 'C2 H3 O2 -1'
#
# COMPACT_ATOMS: atom_id res chain seq x y z
N ALA A 4 4.26 10.19 -19.53
CA ALA A 4 3.46 9.04 -20.06
C ALA A 4 2.93 8.16 -18.92
N VAL A 5 3.78 7.91 -17.92
CA VAL A 5 3.41 7.05 -16.80
C VAL A 5 2.87 7.86 -15.61
N LYS A 6 1.56 7.73 -15.37
CA LYS A 6 0.92 8.39 -14.23
C LYS A 6 1.09 7.49 -13.00
N PRO A 7 1.16 8.09 -11.79
CA PRO A 7 1.33 7.29 -10.56
C PRO A 7 0.24 6.23 -10.35
N GLY A 8 0.62 5.19 -9.61
CA GLY A 8 -0.34 4.21 -9.14
C GLY A 8 -0.64 3.11 -10.12
N GLU A 9 -1.64 2.30 -9.78
CA GLU A 9 -2.07 1.20 -10.63
CA GLU A 9 -2.08 1.19 -10.62
C GLU A 9 -3.58 1.25 -10.78
N PRO A 10 -4.11 0.85 -11.96
CA PRO A 10 -5.56 0.84 -12.14
C PRO A 10 -6.26 -0.15 -11.22
N LEU A 11 -7.51 0.14 -10.91
CA LEU A 11 -8.35 -0.83 -10.21
C LEU A 11 -8.48 -2.10 -11.03
N PRO A 12 -8.54 -3.26 -10.35
CA PRO A 12 -8.87 -4.46 -11.08
C PRO A 12 -10.34 -4.39 -11.48
N ASP A 13 -10.73 -5.13 -12.52
CA ASP A 13 -12.14 -5.12 -12.90
C ASP A 13 -13.00 -5.84 -11.85
N PHE A 14 -14.18 -5.27 -11.59
CA PHE A 14 -15.17 -5.88 -10.71
C PHE A 14 -16.55 -5.28 -10.95
N LEU A 15 -17.55 -5.98 -10.45
CA LEU A 15 -18.89 -5.44 -10.36
C LEU A 15 -19.49 -5.88 -9.03
N LEU A 16 -19.73 -4.92 -8.16
CA LEU A 16 -20.43 -5.16 -6.91
C LEU A 16 -21.66 -4.25 -6.87
N LEU A 17 -22.57 -4.46 -5.93
CA LEU A 17 -23.76 -3.61 -5.81
C LEU A 17 -23.73 -2.87 -4.50
N ASP A 18 -24.14 -1.62 -4.49
CA ASP A 18 -24.44 -0.95 -3.25
C ASP A 18 -25.73 -1.42 -2.64
N PRO A 19 -26.05 -1.03 -1.41
CA PRO A 19 -27.23 -1.63 -0.81
C PRO A 19 -28.53 -1.32 -1.56
N LYS A 20 -28.54 -0.25 -2.32
CA LYS A 20 -29.73 0.10 -3.08
C LYS A 20 -29.82 -0.69 -4.37
N GLY A 21 -28.77 -1.43 -4.65
CA GLY A 21 -28.73 -2.29 -5.80
C GLY A 21 -28.05 -1.65 -7.00
N GLN A 22 -27.48 -0.47 -6.80
CA GLN A 22 -26.77 0.22 -7.87
CA GLN A 22 -26.75 0.25 -7.86
C GLN A 22 -25.39 -0.40 -8.10
N PRO A 23 -25.03 -0.59 -9.38
CA PRO A 23 -23.75 -1.21 -9.74
C PRO A 23 -22.53 -0.34 -9.49
N VAL A 24 -21.50 -0.96 -8.93
CA VAL A 24 -20.27 -0.24 -8.65
C VAL A 24 -19.15 -1.00 -9.33
N THR A 25 -18.51 -0.32 -10.27
CA THR A 25 -17.43 -0.88 -11.08
C THR A 25 -16.33 0.17 -11.08
N PRO A 26 -15.11 -0.17 -11.54
CA PRO A 26 -14.12 0.91 -11.68
C PRO A 26 -14.60 2.13 -12.48
N ALA A 27 -15.51 1.92 -13.43
CA ALA A 27 -16.05 3.05 -14.22
C ALA A 27 -17.00 3.90 -13.38
N THR A 28 -17.88 3.24 -12.62
CA THR A 28 -18.93 3.98 -11.90
C THR A 28 -18.54 4.53 -10.55
N VAL A 29 -17.46 4.01 -9.94
CA VAL A 29 -17.01 4.56 -8.65
CA VAL A 29 -16.95 4.54 -8.67
C VAL A 29 -16.83 6.07 -8.75
N SER A 30 -17.23 6.77 -7.70
CA SER A 30 -17.18 8.23 -7.68
C SER A 30 -15.83 8.73 -7.18
N LYS A 31 -15.10 9.41 -8.07
CA LYS A 31 -13.68 9.68 -7.84
C LYS A 31 -13.33 11.14 -7.48
N PRO A 32 -12.28 11.36 -6.71
CA PRO A 32 -11.64 10.31 -5.95
C PRO A 32 -12.49 9.57 -4.93
N ALA A 33 -11.92 8.50 -4.43
CA ALA A 33 -12.60 7.59 -3.56
C ALA A 33 -11.62 6.95 -2.60
N VAL A 34 -12.15 6.41 -1.53
CA VAL A 34 -11.44 5.48 -0.70
C VAL A 34 -12.09 4.10 -0.70
N ILE A 35 -11.29 3.04 -0.76
CA ILE A 35 -11.81 1.69 -0.61
C ILE A 35 -11.19 1.13 0.68
N VAL A 36 -12.03 0.49 1.49
CA VAL A 36 -11.60 -0.08 2.79
C VAL A 36 -11.91 -1.57 2.78
N PHE A 37 -10.94 -2.39 3.17
CA PHE A 37 -11.15 -3.83 3.41
C PHE A 37 -11.30 -4.09 4.91
N TRP A 38 -12.28 -4.90 5.27
CA TRP A 38 -12.52 -5.24 6.68
C TRP A 38 -13.01 -6.68 6.76
N ALA A 39 -13.27 -7.17 7.97
CA ALA A 39 -13.99 -8.44 8.19
C ALA A 39 -14.70 -8.30 9.53
N SER A 40 -15.88 -8.89 9.67
CA SER A 40 -16.68 -8.70 10.89
C SER A 40 -15.94 -9.23 12.11
N TRP A 41 -15.05 -10.20 11.89
CA TRP A 41 -14.29 -10.82 13.01
C TRP A 41 -13.03 -10.06 13.39
N CYS A 42 -12.74 -8.99 12.67
CA CYS A 42 -11.52 -8.23 12.89
C CYS A 42 -11.80 -6.97 13.72
N THR A 43 -11.47 -7.03 15.02
CA THR A 43 -11.69 -5.90 15.93
CA THR A 43 -11.69 -5.88 15.91
C THR A 43 -10.90 -4.65 15.51
N VAL A 44 -9.68 -4.85 15.03
CA VAL A 44 -8.85 -3.70 14.62
C VAL A 44 -9.48 -2.96 13.42
N CYS A 45 -10.06 -3.72 12.48
CA CYS A 45 -10.79 -3.12 11.35
C CYS A 45 -11.91 -2.24 11.83
N LYS A 46 -12.75 -2.82 12.69
CA LYS A 46 -13.91 -2.10 13.21
C LYS A 46 -13.51 -0.88 14.05
N ALA A 47 -12.42 -1.00 14.82
CA ALA A 47 -11.92 0.11 15.67
C ALA A 47 -11.48 1.31 14.85
N GLU A 48 -11.13 1.07 13.59
CA GLU A 48 -10.70 2.14 12.70
C GLU A 48 -11.84 2.86 11.99
N PHE A 49 -13.04 2.29 12.04
CA PHE A 49 -14.15 2.89 11.32
C PHE A 49 -14.49 4.33 11.74
N PRO A 50 -14.53 4.66 13.05
CA PRO A 50 -14.82 6.06 13.41
C PRO A 50 -13.89 7.10 12.77
N GLY A 51 -12.59 6.82 12.81
CA GLY A 51 -11.57 7.72 12.25
C GLY A 51 -11.68 7.82 10.75
N LEU A 52 -11.92 6.70 10.09
CA LEU A 52 -12.13 6.69 8.63
C LEU A 52 -13.39 7.47 8.29
N HIS A 53 -14.43 7.31 9.10
CA HIS A 53 -15.70 7.98 8.80
C HIS A 53 -15.63 9.48 9.00
N ARG A 54 -14.83 9.92 9.97
CA ARG A 54 -14.54 11.34 10.13
C ARG A 54 -13.92 11.95 8.87
N VAL A 55 -12.91 11.28 8.34
CA VAL A 55 -12.33 11.72 7.09
C VAL A 55 -13.35 11.74 5.96
N ALA A 56 -14.18 10.70 5.89
CA ALA A 56 -15.26 10.66 4.88
C ALA A 56 -16.20 11.87 5.00
N GLU A 57 -16.60 12.18 6.23
CA GLU A 57 -17.48 13.33 6.50
C GLU A 57 -16.85 14.67 6.13
N GLU A 58 -15.62 14.91 6.54
CA GLU A 58 -15.04 16.23 6.33
C GLU A 58 -14.64 16.49 4.88
N THR A 59 -14.32 15.41 4.15
CA THR A 59 -13.90 15.56 2.76
C THR A 59 -15.04 15.41 1.76
N GLY A 60 -16.11 14.71 2.14
CA GLY A 60 -17.20 14.38 1.21
C GLY A 60 -16.89 13.27 0.21
N VAL A 61 -15.75 12.62 0.42
CA VAL A 61 -15.26 11.59 -0.50
C VAL A 61 -15.98 10.28 -0.16
N PRO A 62 -16.52 9.58 -1.17
CA PRO A 62 -17.18 8.30 -0.90
C PRO A 62 -16.16 7.28 -0.42
N PHE A 63 -16.52 6.54 0.64
CA PHE A 63 -15.71 5.45 1.15
C PHE A 63 -16.45 4.16 0.85
N TYR A 64 -15.87 3.32 0.01
CA TYR A 64 -16.51 2.06 -0.36
C TYR A 64 -15.93 0.94 0.50
N VAL A 65 -16.81 0.14 1.08
CA VAL A 65 -16.35 -0.78 2.13
C VAL A 65 -16.66 -2.22 1.73
N ILE A 66 -15.61 -3.06 1.72
CA ILE A 66 -15.70 -4.43 1.20
C ILE A 66 -15.23 -5.42 2.27
N SER A 67 -16.09 -6.39 2.63
CA SER A 67 -15.66 -7.43 3.60
C SER A 67 -14.92 -8.59 2.93
N ARG A 68 -13.82 -9.00 3.54
CA ARG A 68 -13.05 -10.15 3.06
C ARG A 68 -13.57 -11.49 3.58
N GLU A 69 -14.62 -11.47 4.41
CA GLU A 69 -15.17 -12.67 4.99
C GLU A 69 -16.38 -13.15 4.17
N PRO A 70 -16.29 -14.34 3.54
CA PRO A 70 -17.42 -14.88 2.77
C PRO A 70 -18.74 -14.96 3.56
N ARG A 71 -18.66 -15.22 4.86
CA ARG A 71 -19.87 -15.34 5.68
C ARG A 71 -20.49 -14.01 6.13
N ASP A 72 -19.90 -12.88 5.74
CA ASP A 72 -20.50 -11.59 6.04
C ASP A 72 -21.58 -11.34 4.99
N THR A 73 -22.77 -11.84 5.30
CA THR A 73 -23.96 -11.71 4.46
C THR A 73 -24.45 -10.26 4.44
N ARG A 74 -25.38 -9.98 3.53
CA ARG A 74 -26.02 -8.68 3.44
C ARG A 74 -26.47 -8.16 4.81
N GLU A 75 -27.18 -9.01 5.55
CA GLU A 75 -27.77 -8.64 6.84
C GLU A 75 -26.68 -8.25 7.86
N VAL A 76 -25.60 -9.03 7.89
CA VAL A 76 -24.45 -8.78 8.78
C VAL A 76 -23.79 -7.45 8.42
N VAL A 77 -23.47 -7.29 7.14
CA VAL A 77 -22.83 -6.06 6.66
C VAL A 77 -23.67 -4.81 6.97
N LEU A 78 -24.95 -4.84 6.61
CA LEU A 78 -25.78 -3.63 6.81
C LEU A 78 -25.94 -3.26 8.30
N GLU A 79 -25.89 -4.26 9.17
CA GLU A 79 -25.96 -3.99 10.60
C GLU A 79 -24.73 -3.21 11.08
N TYR A 80 -23.55 -3.73 10.77
CA TYR A 80 -22.31 -3.04 11.13
C TYR A 80 -22.21 -1.65 10.52
N MET A 81 -22.75 -1.51 9.30
CA MET A 81 -22.58 -0.26 8.56
C MET A 81 -23.62 0.82 8.89
N LYS A 82 -24.64 0.48 9.66
CA LYS A 82 -25.79 1.39 9.81
C LYS A 82 -25.42 2.73 10.47
N THR A 83 -24.44 2.74 11.37
CA THR A 83 -24.02 3.98 12.00
C THR A 83 -22.88 4.68 11.28
N TYR A 84 -22.62 4.25 10.03
CA TYR A 84 -21.56 4.87 9.22
C TYR A 84 -22.17 5.31 7.90
N PRO A 85 -23.00 6.38 7.94
CA PRO A 85 -23.78 6.75 6.76
C PRO A 85 -22.94 7.19 5.57
N ARG A 86 -21.71 7.63 5.80
CA ARG A 86 -20.83 8.05 4.70
C ARG A 86 -20.01 6.89 4.12
N PHE A 87 -20.19 5.68 4.67
CA PHE A 87 -19.61 4.49 4.05
C PHE A 87 -20.62 3.86 3.10
N ILE A 88 -20.14 3.43 1.94
CA ILE A 88 -20.96 2.70 0.98
C ILE A 88 -20.52 1.21 0.98
N PRO A 89 -21.28 0.34 1.64
CA PRO A 89 -20.95 -1.09 1.62
C PRO A 89 -21.16 -1.66 0.23
N LEU A 90 -20.24 -2.53 -0.19
CA LEU A 90 -20.36 -3.23 -1.46
C LEU A 90 -20.68 -4.69 -1.24
N LEU A 91 -21.75 -5.15 -1.87
CA LEU A 91 -22.30 -6.49 -1.68
C LEU A 91 -22.28 -7.25 -3.00
N ALA A 92 -22.58 -8.55 -2.95
CA ALA A 92 -22.46 -9.40 -4.14
C ALA A 92 -23.37 -8.94 -5.26
N SER A 93 -22.83 -9.00 -6.47
CA SER A 93 -23.65 -8.84 -7.67
C SER A 93 -23.88 -10.24 -8.23
N ASP A 94 -24.49 -10.33 -9.41
CA ASP A 94 -24.69 -11.62 -10.08
CA ASP A 94 -24.69 -11.62 -10.07
C ASP A 94 -23.37 -12.27 -10.49
N ARG A 95 -22.34 -11.47 -10.61
CA ARG A 95 -21.10 -11.98 -11.09
C ARG A 95 -19.91 -12.04 -10.16
N ASP A 96 -19.92 -11.28 -9.06
CA ASP A 96 -18.77 -11.16 -8.15
C ASP A 96 -19.30 -11.12 -6.70
N ARG A 97 -18.57 -11.78 -5.80
CA ARG A 97 -18.71 -11.72 -4.32
CA ARG A 97 -18.71 -11.73 -4.32
C ARG A 97 -17.69 -10.69 -3.81
N PRO A 98 -18.01 -9.94 -2.77
CA PRO A 98 -17.02 -9.02 -2.25
C PRO A 98 -15.65 -9.62 -1.95
N HIS A 99 -15.61 -10.77 -1.30
CA HIS A 99 -14.31 -11.34 -0.90
C HIS A 99 -13.46 -11.71 -2.13
N GLU A 100 -14.13 -12.13 -3.22
CA GLU A 100 -13.45 -12.42 -4.49
C GLU A 100 -12.83 -11.16 -5.08
N VAL A 101 -13.60 -10.08 -5.04
CA VAL A 101 -13.11 -8.79 -5.54
C VAL A 101 -11.90 -8.32 -4.73
N ALA A 102 -12.00 -8.44 -3.40
CA ALA A 102 -10.92 -7.98 -2.52
C ALA A 102 -9.60 -8.69 -2.86
N ALA A 103 -9.72 -9.97 -3.18
CA ALA A 103 -8.58 -10.82 -3.52
C ALA A 103 -7.90 -10.48 -4.85
N ARG A 104 -8.48 -9.58 -5.64
CA ARG A 104 -7.85 -9.08 -6.87
C ARG A 104 -6.94 -7.87 -6.70
N PHE A 105 -6.84 -7.35 -5.47
CA PHE A 105 -6.09 -6.12 -5.18
C PHE A 105 -4.60 -6.34 -4.85
N LYS A 106 -4.17 -7.60 -4.86
CA LYS A 106 -2.76 -7.95 -4.62
C LYS A 106 -2.26 -7.64 -3.20
N VAL A 107 -3.18 -7.64 -2.24
CA VAL A 107 -2.79 -7.44 -0.84
C VAL A 107 -3.44 -8.53 0.00
N LEU A 108 -2.82 -8.82 1.13
CA LEU A 108 -3.26 -9.91 1.98
C LEU A 108 -3.80 -9.34 3.27
N GLY A 109 -4.86 -9.98 3.76
CA GLY A 109 -5.39 -9.61 5.05
C GLY A 109 -6.18 -8.31 5.05
N GLN A 110 -6.37 -7.78 6.24
CA GLN A 110 -7.09 -6.55 6.51
C GLN A 110 -6.61 -6.00 7.85
N PRO A 111 -6.81 -4.73 8.11
CA PRO A 111 -7.47 -3.81 7.21
C PRO A 111 -6.52 -3.23 6.19
N TRP A 112 -7.09 -2.82 5.06
CA TRP A 112 -6.45 -1.98 4.08
C TRP A 112 -7.30 -0.77 3.71
N THR A 113 -6.62 0.31 3.38
CA THR A 113 -7.26 1.54 2.90
C THR A 113 -6.56 1.91 1.60
N PHE A 114 -7.34 2.12 0.53
CA PHE A 114 -6.81 2.43 -0.81
C PHE A 114 -7.37 3.78 -1.22
N VAL A 115 -6.52 4.67 -1.72
CA VAL A 115 -6.97 5.97 -2.24
C VAL A 115 -6.99 5.88 -3.77
N VAL A 116 -8.13 6.20 -4.37
CA VAL A 116 -8.38 6.09 -5.82
C VAL A 116 -8.48 7.52 -6.35
N ASP A 117 -7.66 7.86 -7.34
CA ASP A 117 -7.71 9.23 -7.85
C ASP A 117 -8.76 9.41 -8.97
N ARG A 118 -8.78 10.59 -9.60
CA ARG A 118 -9.78 10.93 -10.64
CA ARG A 118 -9.81 10.89 -10.62
C ARG A 118 -9.70 10.04 -11.89
N GLU A 119 -8.51 9.49 -12.14
CA GLU A 119 -8.31 8.60 -13.28
C GLU A 119 -8.52 7.13 -12.92
N GLY A 120 -8.99 6.87 -11.70
CA GLY A 120 -9.33 5.51 -11.31
C GLY A 120 -8.12 4.68 -10.92
N LYS A 121 -7.03 5.35 -10.56
CA LYS A 121 -5.81 4.65 -10.17
C LYS A 121 -5.67 4.67 -8.67
N VAL A 122 -5.20 3.56 -8.11
CA VAL A 122 -4.83 3.48 -6.70
C VAL A 122 -3.48 4.14 -6.51
N VAL A 123 -3.49 5.31 -5.87
CA VAL A 123 -2.30 6.14 -5.70
C VAL A 123 -1.73 6.18 -4.30
N ALA A 124 -2.42 5.55 -3.33
CA ALA A 124 -1.90 5.43 -1.97
C ALA A 124 -2.55 4.22 -1.32
N LEU A 125 -1.78 3.51 -0.50
CA LEU A 125 -2.32 2.40 0.27
C LEU A 125 -1.82 2.53 1.69
N PHE A 126 -2.63 2.04 2.63
CA PHE A 126 -2.23 2.01 4.03
C PHE A 126 -2.64 0.66 4.58
N ALA A 127 -1.73 0.01 5.28
CA ALA A 127 -2.00 -1.27 5.91
C ALA A 127 -2.23 -1.00 7.38
N GLY A 128 -3.24 -1.65 7.96
CA GLY A 128 -3.53 -1.49 9.40
C GLY A 128 -4.17 -0.14 9.61
N ARG A 129 -3.80 0.54 10.70
CA ARG A 129 -4.34 1.86 10.98
CA ARG A 129 -4.34 1.88 10.97
C ARG A 129 -3.73 2.92 10.04
N ALA A 130 -4.57 3.62 9.29
CA ALA A 130 -4.08 4.66 8.40
C ALA A 130 -3.93 5.90 9.25
N GLY A 131 -2.91 6.70 8.97
CA GLY A 131 -2.77 7.95 9.71
C GLY A 131 -3.85 8.94 9.32
N ARG A 132 -4.39 9.69 10.27
CA ARG A 132 -5.37 10.73 9.93
C ARG A 132 -4.77 11.79 8.97
N GLU A 133 -3.62 12.33 9.35
CA GLU A 133 -2.97 13.32 8.52
C GLU A 133 -2.52 12.70 7.19
N ALA A 134 -1.97 11.48 7.26
CA ALA A 134 -1.54 10.73 6.06
C ALA A 134 -2.67 10.56 5.05
N LEU A 135 -3.82 10.10 5.53
CA LEU A 135 -4.99 9.87 4.67
C LEU A 135 -5.51 11.18 4.10
N LEU A 136 -5.63 12.23 4.92
CA LEU A 136 -6.10 13.53 4.42
C LEU A 136 -5.15 14.07 3.37
N ASP A 137 -3.84 13.96 3.63
CA ASP A 137 -2.86 14.43 2.65
C ASP A 137 -2.96 13.65 1.35
N ALA A 138 -3.11 12.32 1.45
CA ALA A 138 -3.25 11.51 0.24
C ALA A 138 -4.48 11.88 -0.58
N LEU A 139 -5.59 12.17 0.11
CA LEU A 139 -6.81 12.56 -0.59
C LEU A 139 -6.65 13.91 -1.29
N LEU A 140 -6.02 14.85 -0.61
CA LEU A 140 -5.74 16.17 -1.22
C LEU A 140 -4.90 15.99 -2.46
N LEU A 141 -3.84 15.17 -2.34
CA LEU A 141 -2.97 14.84 -3.46
C LEU A 141 -3.66 14.11 -4.61
N ALA A 142 -4.74 13.39 -4.29
CA ALA A 142 -5.55 12.65 -5.27
C ALA A 142 -6.68 13.51 -5.84
N GLY A 143 -6.75 14.77 -5.39
CA GLY A 143 -7.71 15.74 -5.92
C GLY A 143 -8.99 15.98 -5.14
N ALA A 144 -8.98 15.66 -3.85
CA ALA A 144 -10.09 16.02 -2.98
C ALA A 144 -9.88 17.43 -2.41
N ASP A 145 -10.93 17.99 -1.78
CA ASP A 145 -10.83 19.25 -1.03
C ASP A 145 -11.79 19.27 0.15
N LEU A 146 -11.41 19.96 1.22
CA LEU A 146 -12.24 20.00 2.42
C LEU A 146 -12.36 21.39 3.03
N VAL B 5 -2.74 4.12 19.63
CA VAL B 5 -2.97 3.33 18.38
C VAL B 5 -2.24 3.95 17.17
N LYS B 6 -0.91 3.72 17.13
CA LYS B 6 -0.04 4.32 16.12
C LYS B 6 -0.19 3.69 14.74
N PRO B 7 -0.15 4.52 13.68
CA PRO B 7 -0.41 4.07 12.32
C PRO B 7 0.51 2.97 11.76
N GLY B 8 0.00 2.23 10.78
CA GLY B 8 0.83 1.34 9.97
C GLY B 8 0.96 -0.06 10.52
N GLU B 9 1.98 -0.76 10.06
CA GLU B 9 2.25 -2.14 10.46
C GLU B 9 3.75 -2.35 10.68
N PRO B 10 4.14 -3.13 11.72
CA PRO B 10 5.55 -3.47 11.94
C PRO B 10 6.10 -4.28 10.76
N LEU B 11 7.40 -4.17 10.55
CA LEU B 11 8.08 -4.99 9.56
C LEU B 11 8.12 -6.45 10.06
N PRO B 12 7.99 -7.42 9.14
CA PRO B 12 8.18 -8.81 9.54
C PRO B 12 9.67 -9.02 9.77
N ASP B 13 10.01 -9.97 10.66
CA ASP B 13 11.40 -10.29 10.91
C ASP B 13 12.10 -10.74 9.63
N PHE B 14 13.38 -10.36 9.54
CA PHE B 14 14.26 -10.78 8.43
C PHE B 14 15.71 -10.56 8.81
N LEU B 15 16.59 -11.27 8.13
CA LEU B 15 18.01 -10.97 8.16
C LEU B 15 18.52 -11.11 6.72
N LEU B 16 18.90 -9.99 6.14
CA LEU B 16 19.54 -9.95 4.83
C LEU B 16 20.88 -9.22 4.98
N LEU B 17 21.70 -9.25 3.94
CA LEU B 17 22.99 -8.60 3.99
C LEU B 17 23.04 -7.44 3.03
N ASP B 18 23.68 -6.37 3.45
CA ASP B 18 24.02 -5.32 2.54
C ASP B 18 25.22 -5.65 1.68
N PRO B 19 25.61 -4.73 0.82
CA PRO B 19 26.71 -5.05 -0.06
C PRO B 19 28.05 -5.32 0.61
N LYS B 20 28.31 -4.82 1.78
CA LYS B 20 29.52 -5.18 2.48
C LYS B 20 29.39 -6.42 3.34
N GLY B 21 28.24 -7.07 3.25
CA GLY B 21 27.98 -8.27 4.04
C GLY B 21 27.55 -8.01 5.47
N GLN B 22 27.19 -6.77 5.79
CA GLN B 22 26.69 -6.43 7.13
C GLN B 22 25.22 -6.85 7.26
N PRO B 23 24.82 -7.40 8.43
CA PRO B 23 23.42 -7.83 8.58
C PRO B 23 22.46 -6.64 8.69
N VAL B 24 21.31 -6.76 8.00
CA VAL B 24 20.25 -5.78 8.06
C VAL B 24 19.00 -6.52 8.52
N THR B 25 18.39 -6.01 9.59
CA THR B 25 17.20 -6.62 10.19
C THR B 25 16.25 -5.45 10.50
N PRO B 26 14.99 -5.74 10.88
CA PRO B 26 14.14 -4.62 11.35
C PRO B 26 14.74 -3.71 12.43
N ALA B 27 15.58 -4.26 13.31
CA ALA B 27 16.26 -3.48 14.33
C ALA B 27 17.39 -2.62 13.79
N THR B 28 18.16 -3.14 12.83
CA THR B 28 19.37 -2.43 12.37
C THR B 28 19.14 -1.55 11.15
N VAL B 29 18.02 -1.75 10.47
CA VAL B 29 17.69 -0.94 9.32
C VAL B 29 17.63 0.55 9.72
N SER B 30 18.13 1.45 8.88
CA SER B 30 18.20 2.86 9.17
CA SER B 30 18.20 2.85 9.18
C SER B 30 16.80 3.44 9.09
N LYS B 31 16.30 4.34 9.92
CA LYS B 31 14.93 4.79 9.90
C LYS B 31 14.86 6.30 10.02
N PRO B 32 13.91 6.93 9.39
CA PRO B 32 13.05 6.34 8.39
C PRO B 32 13.78 5.83 7.15
N ALA B 33 13.05 5.09 6.33
CA ALA B 33 13.65 4.44 5.19
C ALA B 33 12.58 4.19 4.16
N VAL B 34 12.99 3.87 2.95
CA VAL B 34 12.09 3.39 1.92
C VAL B 34 12.58 1.98 1.53
N ILE B 35 11.64 1.08 1.29
CA ILE B 35 11.92 -0.26 0.81
C ILE B 35 11.22 -0.42 -0.52
N VAL B 36 11.94 -0.90 -1.53
CA VAL B 36 11.36 -1.12 -2.84
C VAL B 36 11.44 -2.60 -3.21
N PHE B 37 10.32 -3.18 -3.66
CA PHE B 37 10.36 -4.52 -4.24
C PHE B 37 10.44 -4.43 -5.77
N TRP B 38 11.28 -5.27 -6.37
CA TRP B 38 11.43 -5.30 -7.79
C TRP B 38 11.74 -6.72 -8.26
N ALA B 39 11.94 -6.89 -9.55
CA ALA B 39 12.54 -8.11 -10.09
C ALA B 39 13.26 -7.70 -11.38
N SER B 40 14.34 -8.41 -11.70
CA SER B 40 15.16 -8.08 -12.88
C SER B 40 14.37 -8.07 -14.19
N TRP B 41 13.34 -8.91 -14.29
CA TRP B 41 12.52 -9.01 -15.49
C TRP B 41 11.34 -8.04 -15.50
N CYS B 42 11.20 -7.25 -14.44
CA CYS B 42 10.05 -6.39 -14.30
C CYS B 42 10.33 -5.03 -14.94
N THR B 43 9.82 -4.85 -16.15
CA THR B 43 10.04 -3.64 -16.94
CA THR B 43 10.03 -3.63 -16.93
C THR B 43 9.56 -2.38 -16.20
N VAL B 44 8.38 -2.46 -15.58
CA VAL B 44 7.77 -1.34 -14.86
C VAL B 44 8.61 -0.92 -13.64
N CYS B 45 9.13 -1.91 -12.89
CA CYS B 45 10.06 -1.64 -11.78
C CYS B 45 11.25 -0.85 -12.24
N LYS B 46 11.90 -1.34 -13.30
CA LYS B 46 13.14 -0.74 -13.73
C LYS B 46 12.93 0.68 -14.26
N ALA B 47 11.79 0.92 -14.89
CA ALA B 47 11.38 2.25 -15.37
C ALA B 47 11.23 3.29 -14.25
N GLU B 48 10.90 2.81 -13.04
CA GLU B 48 10.74 3.65 -11.82
CA GLU B 48 10.75 3.69 -11.87
C GLU B 48 12.05 4.00 -11.12
N PHE B 49 13.10 3.23 -11.38
CA PHE B 49 14.33 3.39 -10.59
C PHE B 49 14.99 4.77 -10.73
N PRO B 50 15.07 5.33 -11.96
CA PRO B 50 15.71 6.66 -12.04
C PRO B 50 15.08 7.69 -11.12
N GLY B 51 13.74 7.72 -11.06
CA GLY B 51 13.02 8.69 -10.25
C GLY B 51 13.18 8.45 -8.75
N LEU B 52 13.09 7.17 -8.34
CA LEU B 52 13.29 6.81 -6.94
C LEU B 52 14.72 7.11 -6.53
N HIS B 53 15.67 6.83 -7.42
CA HIS B 53 17.08 7.09 -7.14
C HIS B 53 17.34 8.58 -6.89
N ARG B 54 16.69 9.44 -7.67
CA ARG B 54 16.81 10.88 -7.44
C ARG B 54 16.24 11.32 -6.09
N VAL B 55 15.10 10.76 -5.68
CA VAL B 55 14.54 11.04 -4.36
C VAL B 55 15.52 10.59 -3.28
N ALA B 56 16.14 9.40 -3.45
CA ALA B 56 17.13 8.94 -2.48
C ALA B 56 18.28 9.93 -2.36
N GLU B 57 18.76 10.42 -3.51
CA GLU B 57 19.84 11.39 -3.51
C GLU B 57 19.47 12.72 -2.87
N GLU B 58 18.31 13.24 -3.24
CA GLU B 58 17.87 14.55 -2.77
C GLU B 58 17.51 14.56 -1.28
N THR B 59 16.89 13.49 -0.80
CA THR B 59 16.48 13.41 0.60
C THR B 59 17.55 12.87 1.55
N GLY B 60 18.45 12.02 1.04
CA GLY B 60 19.41 11.32 1.91
C GLY B 60 18.77 10.20 2.76
N VAL B 61 17.52 9.92 2.52
CA VAL B 61 16.84 8.81 3.17
C VAL B 61 17.28 7.50 2.53
N PRO B 62 17.62 6.49 3.32
CA PRO B 62 18.05 5.21 2.75
C PRO B 62 16.95 4.48 2.01
N PHE B 63 17.26 4.02 0.81
CA PHE B 63 16.35 3.28 -0.02
C PHE B 63 16.93 1.87 -0.17
N TYR B 64 16.27 0.90 0.46
CA TYR B 64 16.67 -0.51 0.42
C TYR B 64 15.89 -1.18 -0.68
N VAL B 65 16.57 -2.04 -1.46
CA VAL B 65 15.95 -2.65 -2.60
CA VAL B 65 15.93 -2.67 -2.61
C VAL B 65 16.05 -4.18 -2.49
N ILE B 66 14.91 -4.84 -2.62
CA ILE B 66 14.76 -6.30 -2.48
C ILE B 66 14.10 -6.91 -3.72
N SER B 67 14.75 -7.90 -4.34
CA SER B 67 14.19 -8.56 -5.49
C SER B 67 13.32 -9.74 -5.08
N ARG B 68 12.17 -9.86 -5.73
CA ARG B 68 11.26 -10.99 -5.50
C ARG B 68 11.55 -12.23 -6.37
N GLU B 69 12.57 -12.12 -7.22
CA GLU B 69 12.92 -13.22 -8.14
C GLU B 69 14.07 -14.05 -7.54
N PRO B 70 13.82 -15.36 -7.29
CA PRO B 70 14.87 -16.20 -6.70
C PRO B 70 16.20 -16.24 -7.49
N ARG B 71 16.10 -16.14 -8.81
CA ARG B 71 17.27 -16.18 -9.70
C ARG B 71 18.09 -14.90 -9.74
N ASP B 72 17.56 -13.83 -9.13
CA ASP B 72 18.33 -12.60 -8.99
C ASP B 72 19.31 -12.74 -7.85
N THR B 73 20.42 -13.41 -8.15
CA THR B 73 21.46 -13.67 -7.18
C THR B 73 22.27 -12.38 -6.94
N ARG B 74 23.16 -12.38 -5.95
CA ARG B 74 23.88 -11.12 -5.63
C ARG B 74 24.65 -10.60 -6.83
N GLU B 75 25.21 -11.49 -7.65
CA GLU B 75 25.86 -11.09 -8.90
C GLU B 75 24.94 -10.32 -9.85
N VAL B 76 23.71 -10.82 -10.04
CA VAL B 76 22.69 -10.18 -10.86
C VAL B 76 22.33 -8.83 -10.25
N VAL B 77 22.03 -8.84 -8.96
CA VAL B 77 21.56 -7.64 -8.28
C VAL B 77 22.65 -6.55 -8.20
N LEU B 78 23.84 -6.91 -7.71
CA LEU B 78 24.89 -5.91 -7.48
C LEU B 78 25.31 -5.26 -8.80
N GLU B 79 25.30 -6.06 -9.86
CA GLU B 79 25.69 -5.56 -11.17
C GLU B 79 24.64 -4.61 -11.73
N TYR B 80 23.36 -5.01 -11.64
CA TYR B 80 22.28 -4.13 -12.00
C TYR B 80 22.33 -2.81 -11.19
N MET B 81 22.59 -2.91 -9.89
CA MET B 81 22.46 -1.74 -8.99
C MET B 81 23.63 -0.74 -9.05
N LYS B 82 24.71 -1.10 -9.76
CA LYS B 82 25.76 -0.11 -10.07
C LYS B 82 25.22 1.09 -10.87
N THR B 83 24.12 0.88 -11.60
CA THR B 83 23.39 1.94 -12.33
C THR B 83 22.76 2.96 -11.33
N TYR B 84 22.43 2.48 -10.12
CA TYR B 84 21.73 3.29 -9.12
C TYR B 84 22.50 3.23 -7.81
N PRO B 85 23.69 3.85 -7.77
CA PRO B 85 24.61 3.60 -6.66
C PRO B 85 24.16 4.01 -5.27
N ARG B 86 23.18 4.92 -5.15
CA ARG B 86 22.74 5.35 -3.83
CA ARG B 86 22.72 5.35 -3.82
C ARG B 86 21.80 4.33 -3.16
N PHE B 87 21.20 3.46 -3.97
CA PHE B 87 20.33 2.38 -3.43
C PHE B 87 21.15 1.42 -2.58
N ILE B 88 20.48 0.78 -1.62
CA ILE B 88 21.12 -0.25 -0.80
C ILE B 88 20.46 -1.59 -1.12
N PRO B 89 21.06 -2.39 -2.03
CA PRO B 89 20.47 -3.72 -2.25
C PRO B 89 20.65 -4.62 -1.04
N LEU B 90 19.64 -5.46 -0.80
CA LEU B 90 19.70 -6.42 0.29
C LEU B 90 19.76 -7.82 -0.30
N LEU B 91 20.78 -8.56 0.13
CA LEU B 91 21.16 -9.82 -0.49
C LEU B 91 20.94 -10.99 0.49
N ALA B 92 20.90 -12.21 -0.04
CA ALA B 92 20.73 -13.40 0.83
C ALA B 92 21.74 -13.46 1.97
N SER B 93 21.25 -13.86 3.15
CA SER B 93 22.11 -14.15 4.29
C SER B 93 22.18 -15.66 4.42
N ASP B 94 22.77 -16.13 5.51
CA ASP B 94 22.82 -17.57 5.73
C ASP B 94 21.43 -18.16 6.01
N ARG B 95 20.48 -17.31 6.35
CA ARG B 95 19.20 -17.76 6.83
C ARG B 95 17.98 -17.31 6.05
N ASP B 96 18.06 -16.19 5.34
CA ASP B 96 16.96 -15.75 4.50
C ASP B 96 17.48 -15.46 3.09
N ARG B 97 16.68 -15.74 2.08
CA ARG B 97 16.83 -15.15 0.77
C ARG B 97 15.87 -13.96 0.56
N PRO B 98 16.28 -12.99 -0.25
CA PRO B 98 15.44 -11.80 -0.42
C PRO B 98 13.99 -12.10 -0.78
N HIS B 99 13.73 -13.04 -1.68
CA HIS B 99 12.34 -13.26 -2.07
C HIS B 99 11.51 -13.91 -0.94
N GLU B 100 12.17 -14.66 -0.06
CA GLU B 100 11.49 -15.23 1.12
C GLU B 100 11.11 -14.12 2.11
N VAL B 101 11.98 -13.12 2.21
CA VAL B 101 11.69 -11.94 3.03
C VAL B 101 10.51 -11.14 2.45
N ALA B 102 10.55 -10.85 1.16
CA ALA B 102 9.43 -10.14 0.52
C ALA B 102 8.10 -10.88 0.72
N ALA B 103 8.14 -12.21 0.64
CA ALA B 103 6.94 -13.07 0.87
C ALA B 103 6.28 -12.91 2.26
N ARG B 104 7.02 -12.41 3.23
CA ARG B 104 6.49 -12.15 4.58
C ARG B 104 5.67 -10.84 4.65
N PHE B 105 5.79 -10.03 3.61
CA PHE B 105 5.03 -8.80 3.56
C PHE B 105 3.66 -9.12 2.95
N LYS B 106 2.70 -8.29 3.23
CA LYS B 106 1.33 -8.63 2.96
C LYS B 106 0.89 -8.11 1.61
N VAL B 107 1.82 -8.11 0.66
CA VAL B 107 1.52 -7.71 -0.70
C VAL B 107 2.07 -8.70 -1.72
N LEU B 108 1.42 -8.74 -2.86
CA LEU B 108 1.77 -9.63 -3.95
C LEU B 108 2.41 -8.85 -5.11
N GLY B 109 3.41 -9.44 -5.72
CA GLY B 109 3.94 -8.89 -6.93
C GLY B 109 4.89 -7.74 -6.71
N GLN B 110 5.07 -6.95 -7.74
CA GLN B 110 5.99 -5.84 -7.77
C GLN B 110 5.64 -4.94 -8.95
N PRO B 111 6.01 -3.68 -8.94
CA PRO B 111 6.75 -2.99 -7.89
C PRO B 111 5.89 -2.53 -6.71
N TRP B 112 6.49 -2.46 -5.55
CA TRP B 112 5.94 -1.85 -4.33
C TRP B 112 6.98 -0.94 -3.74
N THR B 113 6.52 0.16 -3.16
CA THR B 113 7.38 1.10 -2.42
C THR B 113 6.75 1.25 -1.04
N PHE B 114 7.54 1.00 0.00
CA PHE B 114 7.09 1.05 1.41
C PHE B 114 7.85 2.16 2.12
N VAL B 115 7.15 2.97 2.90
CA VAL B 115 7.80 3.99 3.70
C VAL B 115 7.79 3.52 5.16
N VAL B 116 8.96 3.52 5.77
CA VAL B 116 9.16 2.99 7.13
C VAL B 116 9.48 4.16 8.04
N ASP B 117 8.72 4.34 9.14
CA ASP B 117 8.94 5.52 10.01
C ASP B 117 10.06 5.30 11.03
N ARG B 118 10.29 6.26 11.95
CA ARG B 118 11.35 6.19 12.96
CA ARG B 118 11.36 6.17 12.94
C ARG B 118 11.21 5.02 13.93
N GLU B 119 9.99 4.50 14.05
CA GLU B 119 9.69 3.39 14.96
CA GLU B 119 9.69 3.40 14.96
C GLU B 119 9.59 2.05 14.24
N GLY B 120 9.95 2.04 12.95
CA GLY B 120 10.01 0.80 12.18
C GLY B 120 8.69 0.30 11.60
N LYS B 121 7.68 1.18 11.57
CA LYS B 121 6.39 0.83 11.04
CA LYS B 121 6.37 0.85 11.05
CA LYS B 121 6.37 0.85 11.05
C LYS B 121 6.24 1.27 9.58
N VAL B 122 5.59 0.42 8.78
CA VAL B 122 5.26 0.75 7.38
C VAL B 122 4.02 1.63 7.43
N VAL B 123 4.19 2.92 7.15
CA VAL B 123 3.13 3.93 7.30
C VAL B 123 2.55 4.44 5.97
N ALA B 124 3.16 4.01 4.86
CA ALA B 124 2.64 4.29 3.52
C ALA B 124 3.15 3.26 2.55
N LEU B 125 2.31 2.90 1.59
CA LEU B 125 2.72 2.02 0.49
C LEU B 125 2.23 2.60 -0.81
N PHE B 126 2.94 2.28 -1.88
CA PHE B 126 2.54 2.68 -3.22
C PHE B 126 2.76 1.52 -4.14
N ALA B 127 1.75 1.25 -4.97
CA ALA B 127 1.84 0.28 -6.05
C ALA B 127 2.24 1.00 -7.34
N GLY B 128 3.18 0.43 -8.09
CA GLY B 128 3.62 1.10 -9.30
C GLY B 128 4.37 2.37 -8.97
N ARG B 129 4.21 3.41 -9.80
CA ARG B 129 4.89 4.68 -9.58
C ARG B 129 4.28 5.44 -8.41
N ALA B 130 5.12 5.85 -7.49
CA ALA B 130 4.70 6.72 -6.42
C ALA B 130 4.88 8.11 -6.98
N GLY B 131 3.87 8.96 -6.81
CA GLY B 131 4.00 10.36 -7.25
C GLY B 131 5.06 11.02 -6.38
N ARG B 132 5.79 11.99 -6.93
CA ARG B 132 6.91 12.57 -6.17
C ARG B 132 6.42 13.29 -4.90
N GLU B 133 5.36 14.09 -5.00
CA GLU B 133 4.87 14.80 -3.82
C GLU B 133 4.27 13.84 -2.78
N ALA B 134 3.60 12.80 -3.28
CA ALA B 134 3.06 11.75 -2.41
C ALA B 134 4.18 11.10 -1.57
N LEU B 135 5.26 10.72 -2.26
CA LEU B 135 6.35 10.03 -1.59
C LEU B 135 7.04 10.98 -0.59
N LEU B 136 7.25 12.22 -1.00
CA LEU B 136 7.87 13.20 -0.13
C LEU B 136 7.00 13.51 1.09
N ASP B 137 5.71 13.60 0.88
CA ASP B 137 4.82 13.83 2.00
C ASP B 137 4.82 12.64 2.99
N ALA B 138 4.80 11.41 2.46
CA ALA B 138 4.89 10.24 3.34
C ALA B 138 6.19 10.22 4.14
N LEU B 139 7.31 10.58 3.49
CA LEU B 139 8.58 10.66 4.23
C LEU B 139 8.56 11.76 5.30
N LEU B 140 7.98 12.91 4.97
CA LEU B 140 7.84 14.00 5.94
C LEU B 140 7.06 13.52 7.15
N LEU B 141 5.91 12.90 6.91
CA LEU B 141 5.09 12.36 8.01
C LEU B 141 5.74 11.21 8.78
N ALA B 142 6.61 10.45 8.12
CA ALA B 142 7.37 9.35 8.75
C ALA B 142 8.58 9.81 9.59
N GLY B 143 8.78 11.13 9.65
CA GLY B 143 9.86 11.69 10.44
C GLY B 143 11.17 11.97 9.73
N ALA B 144 11.15 11.97 8.39
CA ALA B 144 12.36 12.28 7.64
C ALA B 144 12.80 13.75 7.81
N ASP B 145 14.10 13.95 7.88
CA ASP B 145 14.69 15.28 7.96
C ASP B 145 14.88 15.83 6.54
N LEU B 146 13.90 16.59 6.06
CA LEU B 146 13.91 17.12 4.70
C LEU B 146 14.12 18.64 4.70
C ACT C . -3.81 -2.63 -6.65
O ACT C . -4.51 -1.95 -7.45
OXT ACT C . -3.81 -3.86 -6.85
CH3 ACT C . -3.03 -2.04 -5.52
C ACT D . 3.31 -5.21 5.55
O ACT D . 4.04 -4.77 6.47
OXT ACT D . 3.27 -6.46 5.40
CH3 ACT D . 2.55 -4.31 4.62
#